data_7UME
#
_entry.id   7UME
#
_entity_poly.entity_id   1
_entity_poly.type   'polyribonucleotide'
_entity_poly.pdbx_seq_one_letter_code
;GGCCGACAAGAACAGUUUCGAAUCGGCC
;
_entity_poly.pdbx_strand_id   A
#
loop_
_chem_comp.id
_chem_comp.type
_chem_comp.name
_chem_comp.formula
A RNA linking ADENOSINE-5'-MONOPHOSPHATE 'C10 H14 N5 O7 P'
C RNA linking CYTIDINE-5'-MONOPHOSPHATE 'C9 H14 N3 O8 P'
G RNA linking GUANOSINE-5'-MONOPHOSPHATE 'C10 H14 N5 O8 P'
U RNA linking URIDINE-5'-MONOPHOSPHATE 'C9 H13 N2 O9 P'
#